data_5FUI
#
_entry.id   5FUI
#
_cell.length_a   78.056
_cell.length_b   29.523
_cell.length_c   51.872
_cell.angle_alpha   90.00
_cell.angle_beta   115.79
_cell.angle_gamma   90.00
#
_symmetry.space_group_name_H-M   'C 1 2 1'
#
loop_
_entity.id
_entity.type
_entity.pdbx_description
1 polymer 'ENDO-1,3-BETA-GLUCANASE, FAMILY GH16'
2 non-polymer GLYCEROL
3 non-polymer 2-AMINOMETHYL-PYRIDINE
4 non-polymer 'MAGNESIUM ION'
5 water water
#
_entity_poly.entity_id   1
_entity_poly.type   'polypeptide(L)'
_entity_poly.pdbx_seq_one_letter_code
;HHHHHHSGNTLKIEAESYLYSNDVQKEPCSEGGENVGYINNGSWMSYPGINFPSSGNYLIEYRVASAVDGGRFSSDLEAG
ETVLGELSVPNTGGWQNWTTVSQTVNVSAGTYQFGLYSISGGWNINWIRITK
;
_entity_poly.pdbx_strand_id   A
#
# COMPACT_ATOMS: atom_id res chain seq x y z
N ASN A 9 13.03 -9.82 9.69
CA ASN A 9 11.90 -10.63 9.10
C ASN A 9 10.90 -9.78 8.25
N THR A 10 10.28 -10.44 7.25
CA THR A 10 9.45 -9.74 6.29
CA THR A 10 9.44 -9.75 6.30
C THR A 10 8.01 -10.33 6.23
N LEU A 11 7.02 -9.45 6.04
CA LEU A 11 5.62 -9.80 5.87
C LEU A 11 5.22 -9.22 4.49
N LYS A 12 4.80 -10.06 3.53
CA LYS A 12 4.30 -9.56 2.26
C LYS A 12 2.80 -9.66 2.22
N ILE A 13 2.12 -8.51 1.99
CA ILE A 13 0.65 -8.42 1.91
C ILE A 13 0.30 -8.20 0.46
N GLU A 14 -0.41 -9.15 -0.19
CA GLU A 14 -0.81 -8.96 -1.58
C GLU A 14 -1.86 -7.86 -1.58
N ALA A 15 -1.72 -6.86 -2.42
CA ALA A 15 -2.59 -5.67 -2.31
C ALA A 15 -4.07 -6.05 -2.57
N GLU A 16 -4.28 -7.12 -3.41
CA GLU A 16 -5.64 -7.55 -3.77
C GLU A 16 -6.32 -8.29 -2.60
N SER A 17 -5.63 -8.49 -1.49
CA SER A 17 -6.11 -9.26 -0.34
C SER A 17 -6.89 -8.44 0.65
N TYR A 18 -7.25 -7.22 0.27
CA TYR A 18 -7.97 -6.34 1.23
C TYR A 18 -9.32 -6.94 1.69
N LEU A 19 -9.74 -6.65 2.92
CA LEU A 19 -11.10 -7.09 3.38
C LEU A 19 -12.11 -6.08 2.92
N TYR A 20 -11.80 -4.77 2.98
CA TYR A 20 -12.75 -3.77 2.52
C TYR A 20 -12.03 -2.87 1.58
N SER A 21 -12.79 -2.25 0.69
CA SER A 21 -12.24 -1.27 -0.24
C SER A 21 -13.36 -0.33 -0.71
N ASN A 22 -12.94 0.77 -1.32
CA ASN A 22 -13.85 1.68 -1.98
C ASN A 22 -13.28 2.01 -3.34
N ASP A 23 -14.08 1.84 -4.38
CA ASP A 23 -13.76 2.38 -5.70
C ASP A 23 -12.41 1.95 -6.25
N VAL A 24 -12.15 0.63 -6.18
CA VAL A 24 -10.99 0.06 -6.86
C VAL A 24 -11.39 -1.20 -7.59
N GLN A 25 -10.52 -1.71 -8.47
CA GLN A 25 -10.85 -2.98 -9.08
C GLN A 25 -9.59 -3.83 -9.16
N LYS A 26 -9.77 -5.13 -9.13
CA LYS A 26 -8.65 -6.09 -9.32
CA LYS A 26 -8.63 -6.04 -9.32
C LYS A 26 -8.43 -6.39 -10.82
N GLU A 27 -7.18 -6.70 -11.17
CA GLU A 27 -6.88 -7.02 -12.57
C GLU A 27 -5.64 -7.92 -12.57
N PRO A 28 -5.46 -8.77 -13.61
CA PRO A 28 -4.26 -9.61 -13.65
C PRO A 28 -3.00 -8.73 -13.71
N CYS A 29 -1.99 -9.14 -12.97
CA CYS A 29 -0.77 -8.31 -12.85
C CYS A 29 0.34 -9.04 -13.70
N SER A 30 1.16 -8.24 -14.34
CA SER A 30 2.29 -8.76 -15.13
C SER A 30 3.31 -9.48 -14.31
N GLU A 31 3.32 -9.22 -13.00
CA GLU A 31 4.23 -9.88 -12.05
C GLU A 31 3.64 -11.13 -11.41
N GLY A 32 2.47 -11.55 -11.93
CA GLY A 32 1.75 -12.73 -11.44
C GLY A 32 0.70 -12.28 -10.44
N GLY A 33 -0.27 -13.17 -10.23
CA GLY A 33 -1.39 -12.83 -9.37
C GLY A 33 -2.18 -11.63 -9.94
N GLU A 34 -2.61 -10.79 -9.00
CA GLU A 34 -3.47 -9.63 -9.32
C GLU A 34 -2.78 -8.38 -8.80
N ASN A 35 -3.21 -7.25 -9.32
CA ASN A 35 -2.95 -5.96 -8.70
C ASN A 35 -4.22 -5.22 -8.57
N VAL A 36 -4.21 -4.24 -7.70
CA VAL A 36 -5.34 -3.24 -7.58
C VAL A 36 -5.08 -2.18 -8.64
N GLY A 37 -6.14 -1.90 -9.44
CA GLY A 37 -6.12 -0.83 -10.41
C GLY A 37 -7.41 0.00 -10.36
N TYR A 38 -7.51 0.91 -11.34
CA TYR A 38 -8.67 1.80 -11.46
C TYR A 38 -8.90 2.51 -10.10
N ILE A 39 -7.79 3.07 -9.59
CA ILE A 39 -7.77 3.76 -8.32
C ILE A 39 -7.95 5.26 -8.62
N ASN A 40 -8.94 5.82 -7.93
CA ASN A 40 -9.32 7.21 -8.10
C ASN A 40 -9.01 8.02 -6.84
N ASN A 41 -9.17 9.33 -6.92
CA ASN A 41 -9.11 10.13 -5.69
C ASN A 41 -10.19 9.54 -4.75
N GLY A 42 -9.86 9.34 -3.48
CA GLY A 42 -10.83 8.89 -2.52
C GLY A 42 -11.10 7.40 -2.48
N SER A 43 -10.50 6.63 -3.44
CA SER A 43 -10.43 5.16 -3.30
C SER A 43 -9.56 4.78 -2.07
N TRP A 44 -9.83 3.60 -1.51
CA TRP A 44 -9.03 3.08 -0.45
C TRP A 44 -9.13 1.61 -0.31
N MET A 45 -8.23 1.03 0.48
CA MET A 45 -8.25 -0.42 0.76
C MET A 45 -7.88 -0.60 2.21
N SER A 46 -8.43 -1.60 2.85
CA SER A 46 -8.15 -1.84 4.26
C SER A 46 -7.78 -3.33 4.48
N TYR A 47 -6.73 -3.58 5.26
CA TYR A 47 -6.17 -4.93 5.51
C TYR A 47 -6.16 -5.20 7.01
N PRO A 48 -7.05 -6.05 7.52
CA PRO A 48 -7.08 -6.31 8.97
C PRO A 48 -5.93 -7.27 9.42
N GLY A 49 -5.62 -7.17 10.69
CA GLY A 49 -4.80 -8.18 11.31
C GLY A 49 -3.35 -8.14 10.95
N ILE A 50 -2.82 -6.93 10.68
CA ILE A 50 -1.39 -6.83 10.33
C ILE A 50 -0.56 -6.69 11.65
N ASN A 51 0.29 -7.69 11.85
CA ASN A 51 1.05 -7.74 13.09
C ASN A 51 2.46 -7.08 12.94
N PHE A 52 2.79 -6.16 13.90
CA PHE A 52 4.09 -5.55 14.04
C PHE A 52 4.59 -6.16 15.34
N PRO A 53 5.47 -7.14 15.26
CA PRO A 53 5.78 -7.91 16.51
C PRO A 53 6.67 -7.17 17.49
N SER A 54 7.40 -6.14 17.04
CA SER A 54 8.24 -5.38 17.93
C SER A 54 7.97 -3.84 17.75
N SER A 55 8.31 -3.05 18.76
CA SER A 55 8.19 -1.62 18.69
C SER A 55 9.47 -1.10 18.07
N GLY A 56 9.37 -0.25 17.07
CA GLY A 56 10.58 0.23 16.50
C GLY A 56 10.32 0.65 15.04
N ASN A 57 11.40 0.84 14.32
CA ASN A 57 11.31 1.33 12.96
C ASN A 57 11.16 0.21 11.98
N TYR A 58 10.22 0.37 11.08
CA TYR A 58 9.97 -0.61 10.02
C TYR A 58 10.16 0.04 8.64
N LEU A 59 10.62 -0.79 7.71
CA LEU A 59 10.60 -0.39 6.28
C LEU A 59 9.30 -0.95 5.71
N ILE A 60 8.51 -0.06 5.08
CA ILE A 60 7.30 -0.55 4.41
C ILE A 60 7.46 -0.17 2.91
N GLU A 61 7.47 -1.23 2.10
CA GLU A 61 7.67 -1.15 0.62
C GLU A 61 6.37 -1.33 -0.07
N TYR A 62 6.19 -0.62 -1.17
CA TYR A 62 4.97 -0.66 -1.97
C TYR A 62 5.34 -0.87 -3.42
N ARG A 63 4.84 -1.96 -4.00
CA ARG A 63 5.11 -2.30 -5.42
C ARG A 63 4.04 -1.69 -6.25
N VAL A 64 4.42 -0.61 -6.95
CA VAL A 64 3.43 0.33 -7.59
C VAL A 64 3.76 0.59 -9.06
N ALA A 65 2.77 1.07 -9.83
CA ALA A 65 3.00 1.48 -11.20
C ALA A 65 2.11 2.65 -11.53
N SER A 66 2.52 3.44 -12.57
CA SER A 66 1.59 4.48 -13.04
C SER A 66 2.08 4.92 -14.40
N ALA A 67 1.11 5.13 -15.29
CA ALA A 67 1.43 5.78 -16.57
C ALA A 67 1.35 7.31 -16.54
N VAL A 68 1.04 7.91 -15.36
CA VAL A 68 0.79 9.32 -15.27
C VAL A 68 1.60 9.87 -14.09
N ASP A 69 1.54 11.19 -13.93
CA ASP A 69 2.16 11.86 -12.79
C ASP A 69 1.15 12.05 -11.67
N GLY A 70 1.65 12.11 -10.46
CA GLY A 70 0.86 12.60 -9.31
C GLY A 70 0.07 11.63 -8.47
N GLY A 71 0.12 10.33 -8.78
CA GLY A 71 -0.55 9.35 -7.89
C GLY A 71 0.01 9.51 -6.48
N ARG A 72 -0.82 9.39 -5.46
CA ARG A 72 -0.35 9.68 -4.10
C ARG A 72 -1.29 8.98 -3.18
N PHE A 73 -0.75 8.37 -2.13
CA PHE A 73 -1.62 7.70 -1.14
C PHE A 73 -1.03 7.81 0.24
N SER A 74 -1.91 7.68 1.24
CA SER A 74 -1.46 7.66 2.67
C SER A 74 -1.64 6.27 3.22
N SER A 75 -0.78 5.94 4.18
CA SER A 75 -0.92 4.67 4.94
C SER A 75 -1.22 5.03 6.43
N ASP A 76 -2.05 4.17 7.05
CA ASP A 76 -2.44 4.43 8.44
C ASP A 76 -2.80 3.16 9.17
N LEU A 77 -2.80 3.24 10.50
CA LEU A 77 -3.28 2.14 11.33
C LEU A 77 -4.57 2.56 12.06
N GLU A 78 -5.49 1.59 12.14
CA GLU A 78 -6.76 1.78 12.92
C GLU A 78 -7.56 2.95 12.45
N ALA A 79 -7.79 3.01 11.14
CA ALA A 79 -8.65 4.07 10.59
C ALA A 79 -8.22 5.50 10.96
N GLY A 80 -6.89 5.72 10.90
CA GLY A 80 -6.32 7.05 11.07
C GLY A 80 -5.97 7.39 12.48
N GLU A 81 -6.12 6.39 13.39
CA GLU A 81 -5.62 6.66 14.79
C GLU A 81 -4.11 6.94 14.74
N THR A 82 -3.39 6.23 13.83
CA THR A 82 -1.94 6.51 13.69
C THR A 82 -1.73 6.70 12.19
N VAL A 83 -1.21 7.86 11.80
CA VAL A 83 -0.88 8.06 10.40
C VAL A 83 0.59 7.70 10.20
N LEU A 84 0.86 6.86 9.20
CA LEU A 84 2.24 6.41 8.98
C LEU A 84 2.95 7.33 7.98
N GLY A 85 2.20 7.93 7.07
CA GLY A 85 2.79 8.89 6.11
C GLY A 85 2.22 8.67 4.73
N GLU A 86 2.80 9.41 3.78
CA GLU A 86 2.29 9.45 2.45
C GLU A 86 3.37 9.03 1.45
N LEU A 87 2.92 8.44 0.34
CA LEU A 87 3.82 7.92 -0.71
C LEU A 87 3.39 8.58 -2.02
N SER A 88 4.36 9.06 -2.78
CA SER A 88 4.13 9.45 -4.17
C SER A 88 4.48 8.29 -5.09
N VAL A 89 3.68 8.05 -6.13
CA VAL A 89 3.93 6.95 -7.07
C VAL A 89 4.61 7.60 -8.29
N PRO A 90 5.85 7.14 -8.64
CA PRO A 90 6.51 7.65 -9.83
C PRO A 90 5.69 7.37 -11.06
N ASN A 91 5.89 8.23 -12.06
CA ASN A 91 5.40 7.90 -13.42
C ASN A 91 6.38 6.89 -14.05
N THR A 92 6.04 5.62 -13.94
CA THR A 92 6.90 4.54 -14.41
C THR A 92 6.66 4.28 -15.90
N GLY A 93 5.76 5.14 -16.49
CA GLY A 93 5.51 5.06 -17.96
C GLY A 93 4.65 3.92 -18.42
N GLY A 94 3.99 3.19 -17.55
CA GLY A 94 3.07 2.15 -18.05
C GLY A 94 2.34 1.60 -16.85
N TRP A 95 1.15 1.07 -17.13
CA TRP A 95 0.27 0.53 -16.07
C TRP A 95 0.79 -0.75 -15.44
N GLN A 96 1.72 -1.42 -16.14
CA GLN A 96 2.38 -2.62 -15.63
C GLN A 96 3.88 -2.46 -15.66
N ASN A 97 4.32 -1.22 -15.52
CA ASN A 97 5.74 -0.94 -15.31
C ASN A 97 5.92 -0.75 -13.80
N TRP A 98 6.45 -1.74 -13.12
CA TRP A 98 6.41 -1.69 -11.63
C TRP A 98 7.69 -1.20 -11.05
N THR A 99 7.57 -0.55 -9.88
CA THR A 99 8.71 -0.08 -9.12
C THR A 99 8.38 -0.16 -7.63
N THR A 100 9.39 -0.15 -6.79
CA THR A 100 9.13 -0.23 -5.35
C THR A 100 9.51 1.05 -4.62
N VAL A 101 8.49 1.70 -4.05
CA VAL A 101 8.76 2.88 -3.19
C VAL A 101 8.62 2.44 -1.74
N SER A 102 9.03 3.31 -0.83
CA SER A 102 9.01 2.92 0.59
C SER A 102 8.83 4.09 1.52
N GLN A 103 8.51 3.75 2.77
CA GLN A 103 8.60 4.70 3.87
C GLN A 103 9.23 3.95 5.05
N THR A 104 9.90 4.70 5.91
CA THR A 104 10.47 4.16 7.15
C THR A 104 9.78 4.81 8.30
N VAL A 105 9.04 4.01 9.08
CA VAL A 105 8.20 4.60 10.08
CA VAL A 105 8.14 4.57 10.09
C VAL A 105 8.26 3.81 11.40
N ASN A 106 7.93 4.45 12.50
CA ASN A 106 8.02 3.86 13.81
C ASN A 106 6.65 3.44 14.29
N VAL A 107 6.54 2.17 14.69
CA VAL A 107 5.26 1.59 15.08
C VAL A 107 5.47 0.89 16.41
N SER A 108 4.57 1.05 17.38
CA SER A 108 4.69 0.23 18.61
CA SER A 108 4.62 0.25 18.64
C SER A 108 4.06 -1.15 18.36
N ALA A 109 4.64 -2.16 19.01
CA ALA A 109 4.15 -3.53 18.78
C ALA A 109 2.63 -3.73 18.92
N GLY A 110 2.03 -4.39 17.96
CA GLY A 110 0.62 -4.65 18.09
C GLY A 110 0.10 -5.27 16.80
N THR A 111 -1.20 -5.53 16.74
CA THR A 111 -1.84 -6.00 15.55
C THR A 111 -2.92 -4.98 15.19
N TYR A 112 -2.90 -4.51 13.94
CA TYR A 112 -3.65 -3.36 13.51
C TYR A 112 -4.34 -3.58 12.18
N GLN A 113 -5.41 -2.83 11.99
CA GLN A 113 -6.02 -2.67 10.67
C GLN A 113 -5.14 -1.67 9.91
N PHE A 114 -4.62 -2.11 8.75
CA PHE A 114 -3.71 -1.28 7.93
C PHE A 114 -4.47 -0.69 6.75
N GLY A 115 -4.45 0.64 6.55
CA GLY A 115 -5.24 1.26 5.53
C GLY A 115 -4.38 2.02 4.52
N LEU A 116 -4.76 1.95 3.25
CA LEU A 116 -4.15 2.79 2.18
C LEU A 116 -5.24 3.65 1.58
N TYR A 117 -5.00 4.95 1.52
CA TYR A 117 -6.05 5.83 1.07
C TYR A 117 -5.51 6.66 -0.06
N SER A 118 -6.19 6.64 -1.20
CA SER A 118 -5.74 7.39 -2.37
C SER A 118 -6.09 8.87 -2.24
N ILE A 119 -5.04 9.66 -2.15
CA ILE A 119 -5.16 11.13 -2.19
C ILE A 119 -5.33 11.58 -3.62
N SER A 120 -4.50 11.07 -4.53
CA SER A 120 -4.62 11.40 -5.96
C SER A 120 -4.55 10.02 -6.69
N GLY A 121 -5.60 9.73 -7.50
CA GLY A 121 -5.64 8.47 -8.20
C GLY A 121 -4.65 8.36 -9.38
N GLY A 122 -4.90 7.27 -10.14
CA GLY A 122 -4.08 7.03 -11.35
C GLY A 122 -2.83 6.22 -11.10
N TRP A 123 -2.86 5.37 -10.10
CA TRP A 123 -1.74 4.49 -9.73
C TRP A 123 -2.27 3.10 -9.46
N ASN A 124 -1.36 2.12 -9.64
CA ASN A 124 -1.70 0.68 -9.38
C ASN A 124 -0.84 0.16 -8.25
N ILE A 125 -1.27 -0.88 -7.53
CA ILE A 125 -0.39 -1.49 -6.54
C ILE A 125 -0.54 -3.02 -6.53
N ASN A 126 0.61 -3.68 -6.46
CA ASN A 126 0.70 -5.13 -6.53
C ASN A 126 0.75 -5.75 -5.10
N TRP A 127 1.62 -5.20 -4.25
CA TRP A 127 1.77 -5.73 -2.90
C TRP A 127 2.43 -4.65 -2.03
N ILE A 128 2.41 -4.97 -0.73
CA ILE A 128 3.03 -4.22 0.34
C ILE A 128 4.00 -5.21 1.06
N ARG A 129 5.19 -4.74 1.45
CA ARG A 129 6.13 -5.60 2.21
C ARG A 129 6.63 -4.82 3.39
N ILE A 130 6.54 -5.47 4.54
CA ILE A 130 6.92 -4.86 5.81
C ILE A 130 8.17 -5.58 6.37
N THR A 131 9.24 -4.85 6.68
CA THR A 131 10.50 -5.46 7.16
C THR A 131 10.98 -4.75 8.43
N LYS A 132 11.38 -5.53 9.45
CA LYS A 132 12.06 -4.81 10.56
C LYS A 132 13.52 -5.07 10.62
#